data_7ATF
#
_entry.id   7ATF
#
_cell.length_a   48.023
_cell.length_b   80.416
_cell.length_c   144.772
_cell.angle_alpha   90.000
_cell.angle_beta   90.000
_cell.angle_gamma   90.000
#
_symmetry.space_group_name_H-M   'P 21 21 21'
#
loop_
_entity.id
_entity.type
_entity.pdbx_description
1 polymer EstD11
2 non-polymer 'FORMIC ACID'
3 non-polymer P-NITROPHENOL
4 non-polymer 'ACETATE ION'
5 water water
#
_entity_poly.entity_id   1
_entity_poly.type   'polypeptide(L)'
_entity_poly.pdbx_seq_one_letter_code
;MASEALTMIVNLLRSQRPLQEPTVEQMRAGLEAMAQMSPLPADVELTTVDAGGVPGAWVRVPESDPDRVVLYLHGGGYVI
GSIRTHRDLAQRIARAARCRVLLIDYRLAPEHPHPAAVEDSTRAYRWLLETGSDPKRMAIAGDSAGGGLTVATLVALRDA
GVPLPAAAVCLSPWVDLEGIGESMTTKAAVDPMVQREPLLRMASMYLAGQDPRTPLAAPLYADLRGLPPLLIQVGTAETL
LDDSVRLAERARAAGVQVTLEPWEDMIHVWQAFAAMLPEGQQAIERIGEFLRQHWQ
;
_entity_poly.pdbx_strand_id   A,B
#
# COMPACT_ATOMS: atom_id res chain seq x y z
N ALA A 2 -14.26 -10.19 34.96
CA ALA A 2 -14.35 -9.52 33.63
C ALA A 2 -15.71 -9.78 33.00
N SER A 3 -16.10 -8.96 32.03
CA SER A 3 -17.35 -9.11 31.24
C SER A 3 -17.40 -10.50 30.60
N GLU A 4 -18.60 -11.04 30.44
CA GLU A 4 -18.83 -12.31 29.72
C GLU A 4 -18.31 -12.18 28.27
N ALA A 5 -18.37 -10.99 27.69
CA ALA A 5 -17.87 -10.70 26.32
C ALA A 5 -16.39 -11.06 26.19
N LEU A 6 -15.62 -11.02 27.28
CA LEU A 6 -14.19 -11.41 27.20
C LEU A 6 -14.09 -12.86 26.69
N THR A 7 -14.98 -13.75 27.11
CA THR A 7 -14.96 -15.17 26.69
C THR A 7 -15.09 -15.26 25.16
N MET A 8 -15.97 -14.45 24.58
N MET A 8 -15.95 -14.45 24.56
CA MET A 8 -16.19 -14.39 23.12
CA MET A 8 -16.17 -14.45 23.09
C MET A 8 -14.88 -13.98 22.42
C MET A 8 -14.91 -13.94 22.37
N ILE A 9 -14.24 -12.91 22.89
CA ILE A 9 -12.98 -12.41 22.28
C ILE A 9 -11.90 -13.48 22.43
N VAL A 10 -11.78 -14.08 23.61
CA VAL A 10 -10.74 -15.12 23.83
C VAL A 10 -11.00 -16.26 22.86
N ASN A 11 -12.25 -16.70 22.71
CA ASN A 11 -12.59 -17.81 21.79
C ASN A 11 -12.21 -17.43 20.35
N LEU A 12 -12.49 -16.21 19.94
CA LEU A 12 -12.11 -15.75 18.58
C LEU A 12 -10.58 -15.87 18.42
N LEU A 13 -9.83 -15.38 19.39
CA LEU A 13 -8.36 -15.30 19.27
C LEU A 13 -7.75 -16.70 19.32
N ARG A 14 -8.31 -17.61 20.13
CA ARG A 14 -7.76 -18.98 20.25
C ARG A 14 -7.91 -19.71 18.92
N SER A 15 -8.90 -19.35 18.11
CA SER A 15 -9.11 -19.97 16.78
C SER A 15 -8.32 -19.23 15.70
N GLN A 16 -8.33 -17.90 15.69
CA GLN A 16 -7.70 -17.17 14.55
C GLN A 16 -6.17 -17.23 14.68
N ARG A 17 -5.63 -17.14 15.90
CA ARG A 17 -4.16 -17.25 16.15
C ARG A 17 -3.39 -16.43 15.11
N PRO A 18 -3.65 -15.11 15.15
N PRO A 18 -3.65 -15.13 14.81
CA PRO A 18 -3.11 -14.18 14.16
CA PRO A 18 -2.97 -14.52 13.66
C PRO A 18 -1.57 -14.20 14.12
C PRO A 18 -1.43 -14.50 13.70
N LEU A 19 -0.89 -14.43 15.25
N LEU A 19 -0.86 -14.40 14.91
CA LEU A 19 0.60 -14.40 15.29
CA LEU A 19 0.61 -14.36 15.10
C LEU A 19 1.20 -15.77 14.96
C LEU A 19 1.21 -15.76 14.93
N GLN A 20 0.39 -16.80 14.73
CA GLN A 20 0.88 -18.18 14.48
C GLN A 20 0.72 -18.59 13.02
N GLU A 21 0.35 -17.69 12.12
CA GLU A 21 0.21 -18.04 10.67
C GLU A 21 1.57 -18.45 10.12
N PRO A 22 1.63 -19.38 9.16
CA PRO A 22 2.90 -19.98 8.74
C PRO A 22 3.85 -19.07 7.94
N THR A 23 3.33 -18.00 7.33
CA THR A 23 4.17 -17.06 6.56
C THR A 23 3.83 -15.64 6.96
N VAL A 24 4.74 -14.74 6.69
CA VAL A 24 4.51 -13.30 6.97
C VAL A 24 3.30 -12.82 6.19
N GLU A 25 3.18 -13.20 4.92
CA GLU A 25 2.03 -12.71 4.13
C GLU A 25 0.71 -13.24 4.70
N GLN A 26 0.69 -14.47 5.20
CA GLN A 26 -0.55 -15.01 5.81
C GLN A 26 -0.81 -14.33 7.15
N MET A 27 0.21 -13.97 7.91
CA MET A 27 0.00 -13.19 9.16
C MET A 27 -0.61 -11.84 8.82
N ARG A 28 -0.06 -11.17 7.81
CA ARG A 28 -0.56 -9.83 7.42
C ARG A 28 -2.02 -9.94 6.97
N ALA A 29 -2.31 -10.91 6.10
CA ALA A 29 -3.67 -11.10 5.54
C ALA A 29 -4.64 -11.50 6.65
N GLY A 30 -4.20 -12.31 7.61
CA GLY A 30 -5.05 -12.76 8.72
C GLY A 30 -5.48 -11.56 9.55
N LEU A 31 -4.56 -10.66 9.86
CA LEU A 31 -4.91 -9.50 10.72
C LEU A 31 -5.83 -8.57 9.93
N GLU A 32 -5.57 -8.39 8.63
CA GLU A 32 -6.44 -7.55 7.77
C GLU A 32 -7.86 -8.14 7.77
N ALA A 33 -7.99 -9.46 7.67
CA ALA A 33 -9.32 -10.11 7.62
C ALA A 33 -10.06 -9.87 8.93
N MET A 34 -9.36 -9.95 10.06
N MET A 34 -9.37 -9.96 10.07
CA MET A 34 -9.99 -9.76 11.40
CA MET A 34 -9.99 -9.72 11.40
C MET A 34 -10.44 -8.30 11.55
C MET A 34 -10.48 -8.28 11.48
N ALA A 35 -9.63 -7.32 11.09
CA ALA A 35 -9.94 -5.88 11.23
C ALA A 35 -11.17 -5.53 10.39
N GLN A 36 -11.34 -6.17 9.22
CA GLN A 36 -12.49 -5.98 8.29
C GLN A 36 -13.82 -6.27 9.02
N MET A 37 -13.81 -7.04 10.10
CA MET A 37 -15.03 -7.39 10.89
C MET A 37 -15.63 -6.16 11.55
N SER A 38 -14.81 -5.30 12.19
CA SER A 38 -15.27 -4.16 13.03
C SER A 38 -15.91 -3.12 12.11
N PRO A 39 -17.21 -2.79 12.29
CA PRO A 39 -17.91 -1.91 11.35
C PRO A 39 -17.42 -0.47 11.55
N LEU A 40 -16.89 0.17 10.51
CA LEU A 40 -16.37 1.57 10.58
C LEU A 40 -17.54 2.54 10.45
N PRO A 41 -17.74 3.45 11.44
CA PRO A 41 -18.83 4.43 11.35
C PRO A 41 -18.76 5.34 10.11
N ALA A 42 -19.95 5.73 9.63
CA ALA A 42 -20.15 6.60 8.46
C ALA A 42 -19.57 8.00 8.71
N ASP A 43 -19.48 8.43 9.98
CA ASP A 43 -19.06 9.81 10.35
C ASP A 43 -17.53 9.90 10.42
N VAL A 44 -16.80 8.83 10.16
CA VAL A 44 -15.31 8.85 10.14
C VAL A 44 -14.86 9.36 8.76
N GLU A 45 -14.00 10.38 8.73
CA GLU A 45 -13.36 10.89 7.50
C GLU A 45 -11.89 10.46 7.50
N LEU A 46 -11.50 9.71 6.47
N LEU A 46 -11.49 9.73 6.46
CA LEU A 46 -10.10 9.26 6.26
CA LEU A 46 -10.12 9.23 6.24
C LEU A 46 -9.55 10.00 5.05
C LEU A 46 -9.54 9.99 5.05
N THR A 47 -8.38 10.63 5.20
CA THR A 47 -7.69 11.40 4.14
C THR A 47 -6.27 10.89 4.03
N THR A 48 -5.93 10.28 2.91
N THR A 48 -5.92 10.26 2.92
CA THR A 48 -4.56 9.83 2.58
CA THR A 48 -4.53 9.79 2.68
C THR A 48 -3.66 11.05 2.55
C THR A 48 -3.64 11.03 2.55
N VAL A 49 -2.42 10.94 3.06
CA VAL A 49 -1.45 12.07 3.05
C VAL A 49 -0.04 11.50 2.93
N ASP A 50 0.85 12.25 2.29
CA ASP A 50 2.31 12.00 2.34
C ASP A 50 2.83 12.76 3.56
N ALA A 51 3.03 12.07 4.68
CA ALA A 51 3.51 12.69 5.94
C ALA A 51 5.04 12.81 5.87
N GLY A 52 5.52 13.70 5.00
CA GLY A 52 6.95 14.05 4.90
C GLY A 52 7.77 12.89 4.40
N GLY A 53 7.21 12.04 3.53
CA GLY A 53 7.88 10.87 2.92
C GLY A 53 7.45 9.55 3.54
N VAL A 54 6.53 9.59 4.50
CA VAL A 54 5.93 8.38 5.14
C VAL A 54 4.45 8.40 4.79
N PRO A 55 3.89 7.33 4.19
CA PRO A 55 2.46 7.34 3.89
C PRO A 55 1.65 7.38 5.19
N GLY A 56 0.58 8.14 5.18
CA GLY A 56 -0.31 8.18 6.35
C GLY A 56 -1.74 8.40 5.96
N ALA A 57 -2.59 8.38 6.97
CA ALA A 57 -4.00 8.77 6.82
C ALA A 57 -4.39 9.62 8.00
N TRP A 58 -4.96 10.78 7.72
CA TRP A 58 -5.70 11.56 8.74
C TRP A 58 -7.01 10.85 9.05
N VAL A 59 -7.31 10.68 10.32
CA VAL A 59 -8.58 10.10 10.83
C VAL A 59 -9.25 11.20 11.64
N ARG A 60 -10.42 11.63 11.18
CA ARG A 60 -11.18 12.74 11.78
C ARG A 60 -12.61 12.25 12.06
N VAL A 61 -13.19 12.69 13.15
CA VAL A 61 -14.61 12.41 13.52
C VAL A 61 -15.25 13.77 13.80
N PRO A 62 -16.58 13.86 13.88
CA PRO A 62 -17.25 15.16 13.98
C PRO A 62 -16.70 16.10 15.06
N GLU A 63 -16.34 15.59 16.23
CA GLU A 63 -15.88 16.45 17.36
C GLU A 63 -14.36 16.51 17.45
N SER A 64 -13.63 16.12 16.40
CA SER A 64 -12.16 16.32 16.33
C SER A 64 -11.82 17.82 16.39
N ASP A 65 -11.14 18.25 17.46
CA ASP A 65 -10.47 19.58 17.50
C ASP A 65 -9.39 19.55 16.43
N PRO A 66 -9.46 20.46 15.42
CA PRO A 66 -8.58 20.37 14.26
C PRO A 66 -7.12 20.67 14.58
N ASP A 67 -6.83 21.25 15.76
CA ASP A 67 -5.44 21.62 16.14
C ASP A 67 -4.86 20.62 17.14
N ARG A 68 -5.60 19.62 17.57
CA ARG A 68 -5.03 18.57 18.46
C ARG A 68 -4.81 17.32 17.63
N VAL A 69 -3.60 16.74 17.70
N VAL A 69 -3.68 16.66 17.87
CA VAL A 69 -3.16 15.61 16.83
CA VAL A 69 -3.29 15.54 17.00
C VAL A 69 -2.51 14.51 17.69
C VAL A 69 -2.58 14.48 17.84
N VAL A 70 -2.97 13.25 17.57
CA VAL A 70 -2.24 12.06 18.05
C VAL A 70 -1.57 11.45 16.83
N LEU A 71 -0.26 11.27 16.89
CA LEU A 71 0.47 10.42 15.92
C LEU A 71 0.34 8.98 16.42
N TYR A 72 -0.37 8.14 15.68
CA TYR A 72 -0.69 6.78 16.13
C TYR A 72 0.21 5.78 15.40
N LEU A 73 0.85 4.93 16.19
CA LEU A 73 1.83 3.92 15.74
C LEU A 73 1.24 2.54 15.98
N HIS A 74 0.83 1.86 14.92
CA HIS A 74 0.10 0.59 15.02
C HIS A 74 1.01 -0.53 15.51
N GLY A 75 0.41 -1.52 16.13
CA GLY A 75 1.11 -2.75 16.51
C GLY A 75 1.15 -3.78 15.39
N GLY A 76 1.70 -4.93 15.72
CA GLY A 76 1.93 -6.02 14.78
C GLY A 76 3.37 -6.48 14.75
N GLY A 77 4.11 -6.34 15.85
CA GLY A 77 5.43 -6.96 16.00
C GLY A 77 6.50 -6.34 15.12
N TYR A 78 6.24 -5.15 14.59
CA TYR A 78 7.12 -4.45 13.60
C TYR A 78 7.06 -5.15 12.23
N VAL A 79 6.16 -6.10 12.06
CA VAL A 79 6.12 -6.99 10.85
C VAL A 79 4.75 -6.90 10.17
N ILE A 80 3.66 -6.81 10.91
CA ILE A 80 2.29 -6.81 10.33
C ILE A 80 1.56 -5.57 10.81
N GLY A 81 0.30 -5.45 10.39
CA GLY A 81 -0.51 -4.28 10.66
C GLY A 81 -0.37 -3.26 9.57
N SER A 82 -1.31 -2.34 9.53
CA SER A 82 -1.42 -1.36 8.44
C SER A 82 -2.37 -0.24 8.86
N ILE A 83 -2.54 0.73 7.96
CA ILE A 83 -3.60 1.74 8.14
C ILE A 83 -4.95 1.04 8.24
N ARG A 84 -5.17 0.00 7.45
CA ARG A 84 -6.48 -0.71 7.43
C ARG A 84 -6.72 -1.41 8.78
N THR A 85 -5.71 -2.07 9.35
N THR A 85 -5.70 -2.05 9.37
CA THR A 85 -5.93 -2.89 10.56
CA THR A 85 -5.94 -2.88 10.57
C THR A 85 -6.25 -1.99 11.77
C THR A 85 -6.27 -1.98 11.77
N HIS A 86 -5.71 -0.77 11.80
CA HIS A 86 -5.78 0.08 13.00
C HIS A 86 -6.62 1.32 12.80
N ARG A 87 -7.28 1.49 11.66
CA ARG A 87 -8.09 2.72 11.46
C ARG A 87 -9.28 2.71 12.45
N ASP A 88 -9.82 1.57 12.86
CA ASP A 88 -10.95 1.56 13.82
C ASP A 88 -10.46 2.04 15.19
N LEU A 89 -9.35 1.51 15.68
N LEU A 89 -9.35 1.50 15.67
CA LEU A 89 -8.81 1.96 16.99
CA LEU A 89 -8.77 1.95 16.96
C LEU A 89 -8.47 3.44 16.89
C LEU A 89 -8.46 3.45 16.88
N ALA A 90 -7.91 3.89 15.76
CA ALA A 90 -7.56 5.31 15.55
C ALA A 90 -8.82 6.18 15.67
N GLN A 91 -9.93 5.79 15.04
CA GLN A 91 -11.13 6.66 15.04
C GLN A 91 -11.73 6.65 16.45
N ARG A 92 -11.68 5.53 17.17
CA ARG A 92 -12.21 5.49 18.55
C ARG A 92 -11.40 6.44 19.45
N ILE A 93 -10.08 6.47 19.27
CA ILE A 93 -9.23 7.40 20.07
C ILE A 93 -9.55 8.84 19.65
N ALA A 94 -9.67 9.12 18.37
CA ALA A 94 -10.00 10.47 17.86
C ALA A 94 -11.30 10.94 18.52
N ARG A 95 -12.28 10.05 18.65
CA ARG A 95 -13.62 10.36 19.22
C ARG A 95 -13.47 10.64 20.72
N ALA A 96 -12.76 9.79 21.45
CA ALA A 96 -12.65 9.91 22.92
C ALA A 96 -11.79 11.12 23.29
N ALA A 97 -10.72 11.38 22.56
CA ALA A 97 -9.77 12.48 22.82
C ALA A 97 -10.20 13.77 22.11
N ARG A 98 -11.24 13.71 21.27
CA ARG A 98 -11.77 14.86 20.49
C ARG A 98 -10.63 15.53 19.74
N CYS A 99 -9.90 14.75 18.95
CA CYS A 99 -8.72 15.21 18.23
C CYS A 99 -8.68 14.56 16.86
N ARG A 100 -7.73 14.99 16.03
CA ARG A 100 -7.38 14.27 14.79
C ARG A 100 -6.31 13.22 15.10
N VAL A 101 -6.30 12.15 14.35
CA VAL A 101 -5.25 11.11 14.48
C VAL A 101 -4.51 11.03 13.14
N LEU A 102 -3.19 11.07 13.17
CA LEU A 102 -2.38 10.73 11.98
C LEU A 102 -1.93 9.29 12.16
N LEU A 103 -2.42 8.41 11.32
N LEU A 103 -2.55 8.35 11.44
CA LEU A 103 -2.10 6.96 11.38
CA LEU A 103 -2.12 6.93 11.32
C LEU A 103 -1.10 6.66 10.26
C LEU A 103 -1.00 6.89 10.29
N ILE A 104 0.15 6.34 10.61
CA ILE A 104 1.23 6.24 9.60
C ILE A 104 1.49 4.78 9.26
N ASP A 105 1.87 4.60 8.00
CA ASP A 105 2.32 3.31 7.45
C ASP A 105 3.84 3.28 7.55
N TYR A 106 4.38 3.13 8.75
CA TYR A 106 5.85 3.07 8.94
C TYR A 106 6.36 1.78 8.29
N ARG A 107 7.61 1.81 7.87
CA ARG A 107 8.23 0.67 7.17
C ARG A 107 8.26 -0.56 8.08
N LEU A 108 7.88 -1.71 7.52
CA LEU A 108 7.78 -2.98 8.26
C LEU A 108 8.93 -3.92 7.91
N ALA A 109 9.31 -4.71 8.90
CA ALA A 109 10.24 -5.85 8.78
C ALA A 109 9.45 -7.05 8.30
N PRO A 110 10.10 -8.12 7.79
CA PRO A 110 11.54 -8.19 7.56
C PRO A 110 12.08 -7.38 6.38
N GLU A 111 11.22 -6.84 5.53
CA GLU A 111 11.66 -6.09 4.33
C GLU A 111 12.51 -4.89 4.75
N HIS A 112 12.10 -4.18 5.80
CA HIS A 112 12.79 -2.96 6.28
C HIS A 112 13.06 -3.10 7.76
N PRO A 113 14.22 -3.63 8.15
CA PRO A 113 14.50 -3.84 9.56
C PRO A 113 14.72 -2.54 10.33
N HIS A 114 14.76 -2.69 11.64
CA HIS A 114 15.21 -1.60 12.54
C HIS A 114 16.46 -0.98 11.94
N PRO A 115 16.64 0.36 11.90
CA PRO A 115 15.76 1.36 12.52
C PRO A 115 14.72 2.01 11.61
N ALA A 116 14.30 1.36 10.53
CA ALA A 116 13.39 1.99 9.56
C ALA A 116 12.12 2.51 10.25
N ALA A 117 11.51 1.72 11.14
CA ALA A 117 10.25 2.12 11.79
C ALA A 117 10.45 3.44 12.55
N VAL A 118 11.57 3.58 13.25
N VAL A 118 11.57 3.58 13.27
CA VAL A 118 11.84 4.77 14.11
CA VAL A 118 11.79 4.79 14.12
C VAL A 118 12.20 5.96 13.22
C VAL A 118 12.20 5.97 13.22
N GLU A 119 12.92 5.73 12.11
CA GLU A 119 13.18 6.80 11.13
C GLU A 119 11.83 7.34 10.64
N ASP A 120 10.88 6.45 10.38
CA ASP A 120 9.58 6.91 9.81
C ASP A 120 8.72 7.61 10.87
N SER A 121 8.67 7.08 12.10
N SER A 121 8.66 7.08 12.09
CA SER A 121 7.84 7.72 13.16
CA SER A 121 7.86 7.70 13.18
C SER A 121 8.40 9.11 13.46
C SER A 121 8.40 9.11 13.48
N THR A 122 9.72 9.24 13.58
CA THR A 122 10.32 10.57 13.87
C THR A 122 10.11 11.50 12.69
N ARG A 123 10.22 11.02 11.45
CA ARG A 123 10.01 11.86 10.24
C ARG A 123 8.57 12.38 10.25
N ALA A 124 7.59 11.53 10.54
CA ALA A 124 6.17 11.93 10.54
C ALA A 124 5.96 13.01 11.61
N TYR A 125 6.55 12.83 12.79
CA TYR A 125 6.39 13.82 13.87
C TYR A 125 6.99 15.17 13.43
N ARG A 126 8.20 15.13 12.90
N ARG A 126 8.20 15.14 12.89
CA ARG A 126 8.87 16.36 12.40
CA ARG A 126 8.89 16.37 12.44
C ARG A 126 8.00 17.04 11.36
C ARG A 126 8.06 17.03 11.33
N TRP A 127 7.40 16.25 10.47
CA TRP A 127 6.53 16.78 9.40
C TRP A 127 5.30 17.46 10.01
N LEU A 128 4.71 16.89 11.07
CA LEU A 128 3.59 17.57 11.77
C LEU A 128 4.06 18.94 12.25
N LEU A 129 5.25 19.04 12.84
CA LEU A 129 5.76 20.36 13.32
C LEU A 129 5.98 21.29 12.13
N GLU A 130 6.60 20.80 11.06
CA GLU A 130 6.92 21.59 9.84
C GLU A 130 5.63 22.21 9.29
N THR A 131 4.51 21.50 9.40
CA THR A 131 3.23 21.89 8.75
C THR A 131 2.35 22.62 9.77
N GLY A 132 2.88 22.92 10.97
CA GLY A 132 2.30 23.91 11.89
C GLY A 132 1.64 23.32 13.13
N SER A 133 1.69 22.01 13.37
CA SER A 133 1.16 21.40 14.61
C SER A 133 2.02 21.87 15.78
N ASP A 134 1.37 22.09 16.91
CA ASP A 134 2.02 22.59 18.15
C ASP A 134 2.24 21.41 19.10
N PRO A 135 3.49 21.18 19.57
CA PRO A 135 3.75 20.09 20.51
C PRO A 135 2.80 20.06 21.72
N LYS A 136 2.37 21.21 22.23
CA LYS A 136 1.52 21.22 23.44
C LYS A 136 0.09 20.72 23.12
N ARG A 137 -0.24 20.53 21.84
N ARG A 137 -0.21 20.54 21.84
CA ARG A 137 -1.53 19.93 21.42
CA ARG A 137 -1.52 20.05 21.32
C ARG A 137 -1.27 18.64 20.63
C ARG A 137 -1.38 18.64 20.71
N MET A 138 -0.15 17.99 20.91
N MET A 138 -0.20 18.02 20.90
CA MET A 138 0.20 16.71 20.24
CA MET A 138 0.13 16.72 20.25
C MET A 138 0.38 15.63 21.29
C MET A 138 0.37 15.63 21.29
N ALA A 139 0.29 14.38 20.82
CA ALA A 139 0.63 13.20 21.61
C ALA A 139 1.08 12.13 20.63
N ILE A 140 1.83 11.18 21.13
CA ILE A 140 2.16 9.96 20.35
C ILE A 140 1.54 8.79 21.10
N ALA A 141 0.94 7.86 20.37
CA ALA A 141 0.29 6.70 21.01
C ALA A 141 0.52 5.48 20.13
N GLY A 142 0.52 4.31 20.74
CA GLY A 142 0.65 3.09 19.93
C GLY A 142 0.40 1.87 20.76
N ASP A 143 0.09 0.77 20.07
CA ASP A 143 -0.20 -0.52 20.73
C ASP A 143 0.91 -1.51 20.42
N SER A 144 1.31 -2.27 21.43
N SER A 144 1.30 -2.28 21.43
CA SER A 144 2.19 -3.46 21.27
CA SER A 144 2.21 -3.44 21.31
C SER A 144 3.52 -3.01 20.67
C SER A 144 3.54 -3.00 20.67
N ALA A 145 3.95 -3.51 19.52
CA ALA A 145 5.18 -3.00 18.88
C ALA A 145 5.10 -1.47 18.75
N GLY A 146 3.93 -0.93 18.40
CA GLY A 146 3.73 0.51 18.28
C GLY A 146 3.86 1.24 19.61
N GLY A 147 3.56 0.57 20.71
CA GLY A 147 3.79 1.12 22.05
C GLY A 147 5.27 1.22 22.35
N GLY A 148 6.04 0.20 22.01
CA GLY A 148 7.51 0.30 22.08
C GLY A 148 8.01 1.39 21.14
N LEU A 149 7.46 1.46 19.94
CA LEU A 149 7.92 2.47 18.97
C LEU A 149 7.58 3.86 19.50
N THR A 150 6.50 4.04 20.21
CA THR A 150 6.14 5.34 20.82
C THR A 150 7.27 5.79 21.76
N VAL A 151 7.74 4.89 22.61
CA VAL A 151 8.82 5.26 23.58
C VAL A 151 10.09 5.55 22.78
N ALA A 152 10.45 4.71 21.83
CA ALA A 152 11.67 4.90 21.02
C ALA A 152 11.60 6.21 20.25
N THR A 153 10.44 6.58 19.73
CA THR A 153 10.24 7.82 18.97
C THR A 153 10.51 9.00 19.89
N LEU A 154 9.95 8.99 21.09
CA LEU A 154 10.20 10.09 22.05
C LEU A 154 11.69 10.20 22.36
N VAL A 155 12.35 9.09 22.61
CA VAL A 155 13.81 9.10 22.93
C VAL A 155 14.57 9.72 21.76
N ALA A 156 14.30 9.26 20.53
CA ALA A 156 15.03 9.73 19.34
C ALA A 156 14.74 11.22 19.10
N LEU A 157 13.50 11.66 19.27
CA LEU A 157 13.16 13.08 19.09
C LEU A 157 13.91 13.91 20.13
N ARG A 158 13.87 13.47 21.38
CA ARG A 158 14.54 14.21 22.47
C ARG A 158 16.02 14.36 22.14
N ASP A 159 16.66 13.27 21.75
CA ASP A 159 18.12 13.24 21.48
C ASP A 159 18.46 14.14 20.30
N ALA A 160 17.51 14.42 19.42
CA ALA A 160 17.72 15.30 18.26
C ALA A 160 17.34 16.75 18.58
N GLY A 161 16.98 17.06 19.82
CA GLY A 161 16.60 18.42 20.24
C GLY A 161 15.25 18.84 19.70
N VAL A 162 14.41 17.89 19.31
CA VAL A 162 13.05 18.19 18.79
C VAL A 162 12.10 18.38 19.97
N PRO A 163 11.26 19.42 19.96
CA PRO A 163 10.29 19.60 21.05
C PRO A 163 9.36 18.39 21.20
N LEU A 164 9.24 17.89 22.41
CA LEU A 164 8.42 16.69 22.70
C LEU A 164 6.96 17.08 22.84
N PRO A 165 6.04 16.12 22.61
CA PRO A 165 4.62 16.40 22.73
C PRO A 165 4.16 16.46 24.19
N ALA A 166 2.88 16.79 24.38
CA ALA A 166 2.30 16.99 25.72
C ALA A 166 2.22 15.67 26.49
N ALA A 167 2.09 14.55 25.81
CA ALA A 167 1.83 13.25 26.49
C ALA A 167 2.03 12.13 25.50
N ALA A 168 2.08 10.92 26.02
CA ALA A 168 2.15 9.73 25.17
C ALA A 168 1.41 8.59 25.84
N VAL A 169 0.99 7.65 25.01
CA VAL A 169 0.12 6.53 25.45
C VAL A 169 0.66 5.24 24.84
N CYS A 170 0.84 4.23 25.67
CA CYS A 170 1.31 2.90 25.27
C CYS A 170 0.25 1.88 25.65
N LEU A 171 -0.23 1.11 24.67
N LEU A 171 -0.26 1.13 24.68
CA LEU A 171 -1.25 0.07 24.91
CA LEU A 171 -1.27 0.06 24.88
C LEU A 171 -0.56 -1.29 24.79
C LEU A 171 -0.56 -1.29 24.80
N SER A 172 -0.39 -1.99 25.91
CA SER A 172 0.31 -3.30 25.95
C SER A 172 1.64 -3.20 25.22
N PRO A 173 2.52 -2.23 25.56
CA PRO A 173 3.75 -2.06 24.79
C PRO A 173 4.67 -3.29 24.84
N TRP A 174 5.34 -3.49 23.72
CA TRP A 174 6.41 -4.51 23.56
C TRP A 174 7.76 -3.79 23.59
N VAL A 175 8.50 -3.95 24.69
CA VAL A 175 9.79 -3.24 24.90
C VAL A 175 10.94 -4.21 25.22
N ASP A 176 10.68 -5.49 25.41
CA ASP A 176 11.70 -6.52 25.68
C ASP A 176 11.65 -7.51 24.52
N LEU A 177 12.59 -7.40 23.60
N LEU A 177 12.59 -7.40 23.60
CA LEU A 177 12.62 -8.23 22.36
CA LEU A 177 12.61 -8.23 22.37
C LEU A 177 13.15 -9.64 22.65
C LEU A 177 13.30 -9.59 22.63
N GLU A 178 13.60 -9.92 23.88
CA GLU A 178 14.10 -11.27 24.26
C GLU A 178 13.02 -12.09 24.98
N GLY A 179 11.91 -11.48 25.39
CA GLY A 179 10.85 -12.20 26.10
C GLY A 179 11.37 -12.86 27.37
N ILE A 180 12.02 -12.09 28.23
CA ILE A 180 12.62 -12.60 29.50
C ILE A 180 11.85 -12.05 30.72
N GLY A 181 10.74 -11.35 30.54
CA GLY A 181 9.86 -10.97 31.67
C GLY A 181 9.29 -12.21 32.35
N GLU A 182 9.06 -12.15 33.65
CA GLU A 182 8.48 -13.29 34.40
C GLU A 182 7.14 -13.70 33.76
N SER A 183 6.31 -12.73 33.36
CA SER A 183 4.95 -13.02 32.84
C SER A 183 5.03 -13.78 31.50
N MET A 184 6.15 -13.72 30.79
CA MET A 184 6.30 -14.48 29.53
C MET A 184 6.16 -15.99 29.83
N THR A 185 6.51 -16.39 31.06
CA THR A 185 6.29 -17.77 31.55
C THR A 185 4.95 -17.83 32.30
N THR A 186 4.72 -16.96 33.28
CA THR A 186 3.62 -17.17 34.27
C THR A 186 2.25 -16.85 33.67
N LYS A 187 2.17 -16.10 32.57
CA LYS A 187 0.87 -15.76 31.94
C LYS A 187 0.71 -16.48 30.61
N ALA A 188 1.63 -17.39 30.26
CA ALA A 188 1.58 -18.13 28.98
C ALA A 188 0.25 -18.89 28.88
N ALA A 189 -0.26 -19.45 29.99
CA ALA A 189 -1.47 -20.29 30.00
C ALA A 189 -2.75 -19.45 29.82
N VAL A 190 -2.71 -18.13 30.00
CA VAL A 190 -3.94 -17.29 29.92
C VAL A 190 -3.88 -16.28 28.75
N ASP A 191 -2.79 -16.23 27.99
CA ASP A 191 -2.67 -15.26 26.89
C ASP A 191 -3.04 -15.96 25.59
N PRO A 192 -4.19 -15.61 24.96
CA PRO A 192 -4.61 -16.30 23.74
C PRO A 192 -3.99 -15.74 22.46
N MET A 193 -3.04 -14.79 22.58
CA MET A 193 -2.52 -14.07 21.40
C MET A 193 -1.00 -14.07 21.34
N VAL A 194 -0.32 -13.70 22.42
CA VAL A 194 1.15 -13.48 22.43
C VAL A 194 1.81 -14.61 23.23
N GLN A 195 2.79 -15.23 22.63
CA GLN A 195 3.64 -16.24 23.30
C GLN A 195 5.08 -15.96 22.91
N ARG A 196 6.01 -16.59 23.59
CA ARG A 196 7.43 -16.28 23.36
C ARG A 196 7.86 -16.64 21.94
N GLU A 197 7.39 -17.75 21.36
CA GLU A 197 7.90 -18.18 20.05
C GLU A 197 7.56 -17.14 18.97
N PRO A 198 6.29 -16.69 18.80
CA PRO A 198 6.02 -15.66 17.79
C PRO A 198 6.74 -14.33 18.09
N LEU A 199 6.87 -13.99 19.37
CA LEU A 199 7.62 -12.78 19.79
C LEU A 199 9.05 -12.85 19.25
N LEU A 200 9.75 -13.96 19.47
CA LEU A 200 11.15 -14.06 19.05
C LEU A 200 11.23 -14.11 17.52
N ARG A 201 10.24 -14.72 16.86
CA ARG A 201 10.19 -14.78 15.38
C ARG A 201 10.15 -13.35 14.81
N MET A 202 9.28 -12.51 15.36
N MET A 202 9.27 -12.51 15.36
CA MET A 202 9.12 -11.12 14.87
CA MET A 202 9.10 -11.11 14.91
C MET A 202 10.32 -10.29 15.28
C MET A 202 10.34 -10.29 15.28
N ALA A 203 10.85 -10.48 16.49
CA ALA A 203 12.05 -9.74 16.93
C ALA A 203 13.20 -10.01 15.97
N SER A 204 13.37 -11.26 15.53
CA SER A 204 14.45 -11.63 14.60
C SER A 204 14.31 -10.84 13.29
N MET A 205 13.10 -10.77 12.75
N MET A 205 13.09 -10.78 12.77
CA MET A 205 12.85 -10.03 11.49
CA MET A 205 12.79 -10.04 11.52
C MET A 205 13.15 -8.53 11.69
C MET A 205 13.13 -8.56 11.69
N TYR A 206 12.75 -7.96 12.82
CA TYR A 206 12.97 -6.51 13.06
C TYR A 206 14.46 -6.22 13.30
N LEU A 207 15.12 -7.06 14.08
CA LEU A 207 16.53 -6.77 14.52
C LEU A 207 17.54 -7.10 13.41
N ALA A 208 17.28 -8.09 12.56
CA ALA A 208 18.19 -8.46 11.47
C ALA A 208 19.61 -8.63 12.03
N GLY A 209 19.76 -9.34 13.15
CA GLY A 209 21.07 -9.69 13.73
C GLY A 209 21.63 -8.62 14.66
N GLN A 210 20.96 -7.48 14.81
CA GLN A 210 21.38 -6.44 15.78
C GLN A 210 21.14 -6.92 17.20
N ASP A 211 21.90 -6.37 18.14
CA ASP A 211 21.77 -6.65 19.58
C ASP A 211 20.30 -6.51 19.98
N PRO A 212 19.67 -7.53 20.61
CA PRO A 212 18.26 -7.40 20.98
C PRO A 212 18.01 -6.37 22.08
N ARG A 213 19.08 -5.83 22.69
CA ARG A 213 18.97 -4.74 23.69
C ARG A 213 19.34 -3.39 23.07
N THR A 214 19.44 -3.31 21.74
CA THR A 214 19.57 -2.02 21.04
C THR A 214 18.49 -1.07 21.55
N PRO A 215 18.84 0.07 22.18
CA PRO A 215 17.85 0.88 22.89
C PRO A 215 16.65 1.38 22.07
N LEU A 216 16.84 1.77 20.81
CA LEU A 216 15.67 2.28 20.04
C LEU A 216 14.83 1.11 19.51
N ALA A 217 15.33 -0.12 19.58
CA ALA A 217 14.52 -1.31 19.22
C ALA A 217 13.80 -1.87 20.45
N ALA A 218 14.46 -1.78 21.61
CA ALA A 218 14.03 -2.39 22.87
C ALA A 218 14.16 -1.33 23.95
N PRO A 219 13.18 -0.40 24.06
CA PRO A 219 13.37 0.78 24.90
C PRO A 219 13.38 0.53 26.41
N LEU A 220 13.20 -0.72 26.83
N LEU A 220 13.24 -0.72 26.85
CA LEU A 220 13.57 -1.15 28.20
CA LEU A 220 13.59 -1.11 28.24
C LEU A 220 15.00 -0.70 28.49
C LEU A 220 15.08 -0.86 28.50
N TYR A 221 15.87 -0.61 27.47
CA TYR A 221 17.32 -0.31 27.63
C TYR A 221 17.64 1.12 27.22
N ALA A 222 16.63 1.93 26.89
CA ALA A 222 16.84 3.33 26.47
C ALA A 222 16.90 4.27 27.67
N ASP A 223 17.50 5.42 27.43
CA ASP A 223 17.51 6.53 28.41
C ASP A 223 16.18 7.28 28.29
N LEU A 224 15.35 7.21 29.32
CA LEU A 224 13.98 7.77 29.26
C LEU A 224 13.88 9.13 29.93
N ARG A 225 14.98 9.72 30.39
CA ARG A 225 14.91 11.01 31.10
C ARG A 225 14.32 12.10 30.20
N GLY A 226 13.40 12.90 30.72
CA GLY A 226 12.82 14.03 29.98
C GLY A 226 11.60 13.67 29.16
N LEU A 227 11.14 12.43 29.18
CA LEU A 227 9.91 12.09 28.41
C LEU A 227 8.71 12.77 29.06
N PRO A 228 7.68 13.08 28.25
CA PRO A 228 6.46 13.68 28.78
C PRO A 228 5.59 12.64 29.50
N PRO A 229 4.50 13.10 30.15
CA PRO A 229 3.61 12.18 30.87
C PRO A 229 3.18 11.00 29.99
N LEU A 230 3.36 9.81 30.54
N LEU A 230 3.14 9.84 30.60
CA LEU A 230 3.03 8.53 29.88
CA LEU A 230 3.04 8.57 29.86
C LEU A 230 1.80 7.91 30.56
C LEU A 230 1.97 7.70 30.51
N LEU A 231 0.92 7.36 29.74
CA LEU A 231 -0.11 6.39 30.19
C LEU A 231 0.25 5.05 29.59
N ILE A 232 0.41 4.03 30.41
CA ILE A 232 0.63 2.64 29.97
C ILE A 232 -0.61 1.85 30.39
N GLN A 233 -1.39 1.35 29.44
CA GLN A 233 -2.53 0.46 29.73
C GLN A 233 -2.08 -0.94 29.37
N VAL A 234 -2.35 -1.91 30.22
CA VAL A 234 -1.92 -3.31 29.98
C VAL A 234 -2.94 -4.23 30.64
N GLY A 235 -3.11 -5.42 30.10
CA GLY A 235 -4.00 -6.44 30.70
C GLY A 235 -3.21 -7.37 31.58
N THR A 236 -3.84 -7.90 32.62
CA THR A 236 -3.14 -8.85 33.51
C THR A 236 -3.11 -10.25 32.89
N ALA A 237 -3.92 -10.54 31.87
CA ALA A 237 -3.88 -11.85 31.16
C ALA A 237 -2.96 -11.73 29.94
N GLU A 238 -1.73 -11.27 30.18
CA GLU A 238 -0.78 -10.92 29.10
C GLU A 238 0.60 -11.43 29.45
N THR A 239 1.20 -12.19 28.54
CA THR A 239 2.64 -12.48 28.64
C THR A 239 3.44 -11.17 28.60
N LEU A 240 2.93 -10.13 27.96
CA LEU A 240 3.62 -8.82 27.91
C LEU A 240 3.33 -7.98 29.16
N LEU A 241 2.64 -8.49 30.19
CA LEU A 241 2.38 -7.69 31.41
C LEU A 241 3.70 -7.08 31.94
N ASP A 242 4.73 -7.89 32.06
CA ASP A 242 5.99 -7.41 32.68
C ASP A 242 6.75 -6.47 31.74
N ASP A 243 6.43 -6.40 30.45
CA ASP A 243 6.98 -5.31 29.61
C ASP A 243 6.49 -3.97 30.16
N SER A 244 5.21 -3.87 30.44
CA SER A 244 4.62 -2.62 30.97
C SER A 244 5.16 -2.34 32.38
N VAL A 245 5.25 -3.35 33.23
CA VAL A 245 5.71 -3.14 34.62
C VAL A 245 7.16 -2.64 34.57
N ARG A 246 8.01 -3.28 33.77
CA ARG A 246 9.44 -2.86 33.69
C ARG A 246 9.55 -1.49 33.03
N LEU A 247 8.73 -1.19 32.05
CA LEU A 247 8.78 0.14 31.42
C LEU A 247 8.42 1.20 32.46
N ALA A 248 7.35 0.98 33.22
CA ALA A 248 6.91 1.92 34.26
C ALA A 248 8.04 2.14 35.27
N GLU A 249 8.67 1.07 35.71
CA GLU A 249 9.79 1.16 36.68
C GLU A 249 10.89 2.04 36.08
N ARG A 250 11.27 1.78 34.84
CA ARG A 250 12.39 2.51 34.20
C ARG A 250 12.02 3.98 34.01
N ALA A 251 10.81 4.24 33.54
CA ALA A 251 10.38 5.63 33.27
C ALA A 251 10.33 6.41 34.60
N ARG A 252 9.78 5.81 35.66
N ARG A 252 9.79 5.81 35.65
CA ARG A 252 9.70 6.48 36.99
CA ARG A 252 9.70 6.51 36.96
C ARG A 252 11.11 6.75 37.50
C ARG A 252 11.10 6.75 37.51
N ALA A 253 12.04 5.80 37.35
CA ALA A 253 13.44 5.98 37.80
C ALA A 253 14.10 7.13 37.04
N ALA A 254 13.62 7.43 35.84
CA ALA A 254 14.12 8.52 34.96
C ALA A 254 13.35 9.82 35.20
N GLY A 255 12.44 9.87 36.18
CA GLY A 255 11.73 11.10 36.56
C GLY A 255 10.52 11.39 35.70
N VAL A 256 10.07 10.43 34.89
CA VAL A 256 8.90 10.62 34.00
C VAL A 256 7.62 10.47 34.81
N GLN A 257 6.63 11.31 34.52
N GLN A 257 6.62 11.29 34.49
CA GLN A 257 5.26 11.13 35.07
CA GLN A 257 5.26 11.21 35.10
C GLN A 257 4.68 9.91 34.36
C GLN A 257 4.49 10.05 34.45
N VAL A 258 4.46 8.85 35.12
N VAL A 258 4.64 8.85 34.97
CA VAL A 258 3.99 7.54 34.60
CA VAL A 258 4.07 7.62 34.35
C VAL A 258 2.65 7.27 35.24
C VAL A 258 2.83 7.13 35.14
N THR A 259 1.72 6.85 34.43
CA THR A 259 0.52 6.17 34.96
C THR A 259 0.54 4.76 34.41
N LEU A 260 0.68 3.75 35.25
CA LEU A 260 0.57 2.33 34.84
C LEU A 260 -0.83 1.85 35.23
N GLU A 261 -1.64 1.48 34.25
CA GLU A 261 -3.03 0.99 34.47
C GLU A 261 -3.12 -0.47 34.09
N PRO A 262 -3.03 -1.41 35.06
CA PRO A 262 -3.26 -2.82 34.76
C PRO A 262 -4.74 -3.15 34.87
N TRP A 263 -5.33 -3.62 33.79
CA TRP A 263 -6.76 -3.98 33.69
C TRP A 263 -6.90 -5.48 33.94
N GLU A 264 -7.50 -5.82 35.08
CA GLU A 264 -7.65 -7.22 35.55
C GLU A 264 -8.28 -8.08 34.47
N ASP A 265 -7.62 -9.19 34.16
CA ASP A 265 -8.07 -10.28 33.24
C ASP A 265 -8.08 -9.83 31.78
N MET A 266 -7.68 -8.61 31.44
CA MET A 266 -7.73 -8.18 30.03
C MET A 266 -6.58 -8.81 29.24
N ILE A 267 -6.88 -9.03 27.97
CA ILE A 267 -5.94 -9.64 27.00
C ILE A 267 -5.29 -8.54 26.13
N HIS A 268 -4.33 -8.97 25.35
CA HIS A 268 -3.46 -8.08 24.57
C HIS A 268 -4.27 -7.14 23.68
N VAL A 269 -4.04 -5.84 23.83
CA VAL A 269 -4.68 -4.77 23.03
C VAL A 269 -6.19 -5.06 22.98
N TRP A 270 -6.77 -5.31 24.16
CA TRP A 270 -8.22 -5.54 24.29
C TRP A 270 -9.01 -4.34 23.77
N GLN A 271 -8.41 -3.16 23.73
CA GLN A 271 -9.06 -1.93 23.22
C GLN A 271 -9.50 -2.13 21.76
N ALA A 272 -8.77 -2.93 20.99
CA ALA A 272 -9.09 -3.17 19.57
C ALA A 272 -10.46 -3.84 19.42
N PHE A 273 -10.97 -4.45 20.49
CA PHE A 273 -12.25 -5.24 20.47
C PHE A 273 -13.37 -4.44 21.08
N ALA A 274 -13.23 -3.11 21.17
CA ALA A 274 -14.17 -2.21 21.86
C ALA A 274 -15.58 -2.31 21.27
N ALA A 275 -15.74 -2.71 20.01
CA ALA A 275 -17.09 -2.87 19.41
C ALA A 275 -17.91 -3.86 20.26
N MET A 276 -17.27 -4.91 20.79
CA MET A 276 -17.97 -6.02 21.48
C MET A 276 -17.60 -6.10 22.97
N LEU A 277 -16.46 -5.53 23.36
CA LEU A 277 -15.89 -5.75 24.71
C LEU A 277 -16.05 -4.47 25.53
N PRO A 278 -16.91 -4.46 26.56
CA PRO A 278 -17.12 -3.22 27.32
C PRO A 278 -15.81 -2.62 27.85
N GLU A 279 -14.91 -3.45 28.36
CA GLU A 279 -13.62 -2.96 28.92
C GLU A 279 -12.79 -2.30 27.83
N GLY A 280 -12.94 -2.71 26.56
CA GLY A 280 -12.22 -2.06 25.46
C GLY A 280 -12.65 -0.62 25.32
N GLN A 281 -13.96 -0.37 25.28
CA GLN A 281 -14.47 1.01 25.15
C GLN A 281 -14.16 1.79 26.43
N GLN A 282 -14.27 1.18 27.61
CA GLN A 282 -13.93 1.89 28.88
C GLN A 282 -12.47 2.36 28.82
N ALA A 283 -11.57 1.51 28.35
CA ALA A 283 -10.13 1.83 28.31
C ALA A 283 -9.89 2.96 27.31
N ILE A 284 -10.58 2.96 26.18
CA ILE A 284 -10.41 4.05 25.18
C ILE A 284 -10.94 5.37 25.77
N GLU A 285 -12.04 5.33 26.52
CA GLU A 285 -12.54 6.57 27.16
C GLU A 285 -11.47 7.12 28.10
N ARG A 286 -10.78 6.24 28.82
CA ARG A 286 -9.70 6.65 29.72
C ARG A 286 -8.54 7.26 28.93
N ILE A 287 -8.18 6.70 27.78
CA ILE A 287 -7.13 7.30 26.92
C ILE A 287 -7.55 8.73 26.59
N GLY A 288 -8.80 8.91 26.17
CA GLY A 288 -9.30 10.24 25.82
C GLY A 288 -9.23 11.21 26.98
N GLU A 289 -9.63 10.76 28.17
CA GLU A 289 -9.56 11.60 29.40
C GLU A 289 -8.11 12.02 29.65
N PHE A 290 -7.19 11.06 29.62
CA PHE A 290 -5.76 11.31 29.88
C PHE A 290 -5.22 12.35 28.90
N LEU A 291 -5.52 12.19 27.62
CA LEU A 291 -5.00 13.14 26.60
C LEU A 291 -5.61 14.53 26.82
N ARG A 292 -6.92 14.60 27.01
CA ARG A 292 -7.58 15.91 27.19
C ARG A 292 -7.03 16.59 28.45
N GLN A 293 -6.75 15.84 29.50
CA GLN A 293 -6.17 16.42 30.74
C GLN A 293 -4.83 17.09 30.39
N HIS A 294 -3.98 16.42 29.60
CA HIS A 294 -2.60 16.94 29.35
C HIS A 294 -2.58 18.02 28.26
N TRP A 295 -3.68 18.22 27.55
CA TRP A 295 -3.83 19.32 26.56
C TRP A 295 -4.47 20.56 27.19
N GLN A 296 -5.12 20.42 28.36
CA GLN A 296 -5.72 21.55 29.13
C GLN A 296 -4.71 22.68 29.33
N ALA B 2 22.29 -7.32 -25.35
CA ALA B 2 21.54 -6.08 -25.03
C ALA B 2 22.51 -4.99 -24.55
N SER B 3 22.03 -3.75 -24.50
CA SER B 3 22.75 -2.58 -23.93
C SER B 3 23.27 -2.90 -22.52
N GLU B 4 24.39 -2.30 -22.13
CA GLU B 4 24.94 -2.46 -20.75
C GLU B 4 23.92 -1.91 -19.74
N ALA B 5 23.12 -0.91 -20.13
CA ALA B 5 22.06 -0.34 -19.27
C ALA B 5 21.14 -1.47 -18.77
N LEU B 6 20.84 -2.47 -19.61
CA LEU B 6 19.87 -3.51 -19.20
C LEU B 6 20.40 -4.20 -17.94
N THR B 7 21.66 -4.61 -17.92
CA THR B 7 22.22 -5.39 -16.79
C THR B 7 22.12 -4.55 -15.51
N MET B 8 22.42 -3.26 -15.63
CA MET B 8 22.39 -2.35 -14.46
C MET B 8 20.96 -2.15 -13.98
N ILE B 9 20.00 -1.98 -14.90
CA ILE B 9 18.57 -1.81 -14.50
C ILE B 9 18.10 -3.09 -13.82
N VAL B 10 18.44 -4.24 -14.36
CA VAL B 10 18.02 -5.53 -13.72
C VAL B 10 18.57 -5.56 -12.30
N ASN B 11 19.84 -5.21 -12.12
CA ASN B 11 20.48 -5.24 -10.79
C ASN B 11 19.73 -4.30 -9.84
N LEU B 12 19.47 -3.08 -10.25
CA LEU B 12 18.79 -2.09 -9.37
C LEU B 12 17.40 -2.62 -9.04
N LEU B 13 16.66 -3.16 -10.00
CA LEU B 13 15.27 -3.65 -9.73
C LEU B 13 15.30 -4.82 -8.76
N ARG B 14 16.28 -5.71 -8.87
CA ARG B 14 16.40 -6.85 -7.93
C ARG B 14 16.62 -6.35 -6.50
N SER B 15 17.19 -5.16 -6.32
CA SER B 15 17.37 -4.54 -4.98
C SER B 15 16.10 -3.78 -4.55
N GLN B 16 15.46 -3.06 -5.46
CA GLN B 16 14.30 -2.21 -5.10
CA GLN B 16 14.27 -2.19 -5.19
C GLN B 16 13.06 -3.07 -4.85
N ARG B 17 12.85 -4.13 -5.64
CA ARG B 17 11.75 -5.11 -5.43
C ARG B 17 10.44 -4.36 -5.14
N PRO B 18 9.98 -3.48 -6.05
CA PRO B 18 8.83 -2.64 -5.78
C PRO B 18 7.54 -3.40 -5.41
N LEU B 19 7.32 -4.58 -5.99
CA LEU B 19 6.09 -5.38 -5.77
C LEU B 19 6.19 -6.21 -4.49
N GLN B 20 7.30 -6.14 -3.76
CA GLN B 20 7.50 -6.89 -2.49
C GLN B 20 7.43 -5.96 -1.28
N GLU B 21 7.01 -4.71 -1.43
CA GLU B 21 6.82 -3.83 -0.25
C GLU B 21 5.71 -4.40 0.63
N PRO B 22 5.81 -4.23 1.96
CA PRO B 22 4.96 -4.96 2.91
C PRO B 22 3.51 -4.50 3.00
N THR B 23 3.17 -3.31 2.51
CA THR B 23 1.79 -2.80 2.53
C THR B 23 1.46 -2.18 1.18
N VAL B 24 0.19 -2.02 0.90
CA VAL B 24 -0.28 -1.32 -0.33
C VAL B 24 0.34 0.08 -0.36
N GLU B 25 0.30 0.82 0.72
CA GLU B 25 0.76 2.23 0.70
C GLU B 25 2.27 2.28 0.49
N GLN B 26 3.03 1.31 1.01
CA GLN B 26 4.48 1.29 0.78
C GLN B 26 4.76 0.90 -0.68
N MET B 27 3.97 -0.02 -1.24
CA MET B 27 4.12 -0.35 -2.69
C MET B 27 3.84 0.90 -3.53
N ARG B 28 2.78 1.64 -3.21
CA ARG B 28 2.42 2.86 -3.98
C ARG B 28 3.55 3.87 -3.88
N ALA B 29 4.03 4.15 -2.67
CA ALA B 29 5.08 5.16 -2.43
C ALA B 29 6.39 4.73 -3.11
N GLY B 30 6.70 3.44 -3.10
CA GLY B 30 7.91 2.93 -3.75
C GLY B 30 7.90 3.20 -5.24
N LEU B 31 6.76 2.97 -5.91
CA LEU B 31 6.71 3.19 -7.38
C LEU B 31 6.76 4.69 -7.65
N GLU B 32 6.12 5.51 -6.83
CA GLU B 32 6.20 6.99 -6.97
C GLU B 32 7.66 7.44 -6.85
N ALA B 33 8.41 6.89 -5.91
CA ALA B 33 9.84 7.25 -5.70
C ALA B 33 10.65 6.89 -6.95
N MET B 34 10.40 5.72 -7.54
CA MET B 34 11.11 5.26 -8.75
C MET B 34 10.81 6.22 -9.92
N ALA B 35 9.54 6.60 -10.10
CA ALA B 35 9.11 7.45 -11.24
C ALA B 35 9.75 8.84 -11.13
N GLN B 36 9.96 9.33 -9.90
CA GLN B 36 10.60 10.64 -9.62
C GLN B 36 12.02 10.69 -10.21
N MET B 37 12.66 9.54 -10.47
CA MET B 37 14.02 9.43 -11.05
C MET B 37 14.04 9.98 -12.49
N SER B 38 13.08 9.56 -13.32
CA SER B 38 12.95 9.97 -14.74
C SER B 38 12.30 11.36 -14.76
N PRO B 39 13.07 12.45 -15.00
CA PRO B 39 12.48 13.79 -15.01
C PRO B 39 11.79 14.09 -16.35
N LEU B 40 10.69 14.83 -16.30
CA LEU B 40 9.80 15.14 -17.45
C LEU B 40 10.42 16.27 -18.28
N PRO B 41 10.67 16.06 -19.60
CA PRO B 41 11.20 17.13 -20.46
C PRO B 41 10.41 18.44 -20.36
N ALA B 42 11.08 19.57 -20.61
CA ALA B 42 10.54 20.94 -20.45
C ALA B 42 9.35 21.19 -21.40
N ASP B 43 9.31 20.50 -22.55
CA ASP B 43 8.29 20.74 -23.60
C ASP B 43 7.02 19.90 -23.34
N VAL B 44 6.96 19.12 -22.26
CA VAL B 44 5.75 18.31 -21.93
C VAL B 44 4.76 19.22 -21.19
N GLU B 45 3.51 19.25 -21.66
CA GLU B 45 2.39 19.94 -20.98
C GLU B 45 1.46 18.88 -20.39
N LEU B 46 1.23 18.95 -19.09
N LEU B 46 1.20 18.94 -19.08
CA LEU B 46 0.23 18.11 -18.37
CA LEU B 46 0.24 18.06 -18.38
C LEU B 46 -0.92 19.01 -17.93
C LEU B 46 -0.91 18.92 -17.85
N THR B 47 -2.15 18.60 -18.23
CA THR B 47 -3.39 19.35 -17.90
C THR B 47 -4.34 18.38 -17.19
N THR B 48 -4.64 18.59 -15.91
CA THR B 48 -5.63 17.74 -15.21
C THR B 48 -7.00 18.00 -15.83
N VAL B 49 -7.82 16.96 -15.95
CA VAL B 49 -9.16 17.06 -16.55
C VAL B 49 -10.10 16.05 -15.87
N ASP B 50 -11.37 16.39 -15.79
CA ASP B 50 -12.44 15.46 -15.40
C ASP B 50 -12.89 14.74 -16.68
N ALA B 51 -12.44 13.51 -16.89
CA ALA B 51 -12.80 12.71 -18.08
C ALA B 51 -14.15 12.02 -17.81
N GLY B 52 -15.22 12.83 -17.77
CA GLY B 52 -16.59 12.32 -17.66
C GLY B 52 -16.86 11.65 -16.32
N GLY B 53 -16.21 12.11 -15.26
CA GLY B 53 -16.37 11.59 -13.89
C GLY B 53 -15.14 10.83 -13.41
N VAL B 54 -14.17 10.58 -14.29
CA VAL B 54 -12.90 9.90 -13.96
C VAL B 54 -11.78 10.94 -14.00
N PRO B 55 -11.02 11.13 -12.92
CA PRO B 55 -9.92 12.09 -12.97
C PRO B 55 -8.87 11.62 -13.98
N GLY B 56 -8.33 12.54 -14.73
CA GLY B 56 -7.27 12.22 -15.69
C GLY B 56 -6.36 13.38 -15.94
N ALA B 57 -5.44 13.22 -16.86
CA ALA B 57 -4.57 14.31 -17.31
C ALA B 57 -4.33 14.14 -18.79
N TRP B 58 -4.38 15.24 -19.52
CA TRP B 58 -3.86 15.32 -20.89
C TRP B 58 -2.34 15.40 -20.81
N VAL B 59 -1.66 14.59 -21.60
CA VAL B 59 -0.19 14.62 -21.74
C VAL B 59 0.08 14.99 -23.21
N ARG B 60 0.71 16.13 -23.42
CA ARG B 60 0.86 16.72 -24.78
C ARG B 60 2.30 17.19 -24.95
N VAL B 61 2.81 17.08 -26.16
CA VAL B 61 4.15 17.56 -26.58
C VAL B 61 3.91 18.41 -27.81
N PRO B 62 4.90 19.21 -28.25
CA PRO B 62 4.70 20.13 -29.38
C PRO B 62 4.11 19.45 -30.64
N GLU B 63 4.47 18.19 -30.91
CA GLU B 63 4.02 17.50 -32.14
C GLU B 63 2.77 16.65 -31.88
N SER B 64 2.11 16.79 -30.71
CA SER B 64 0.80 16.14 -30.44
C SER B 64 -0.26 16.70 -31.40
N ASP B 65 -0.76 15.89 -32.32
CA ASP B 65 -1.94 16.25 -33.14
C ASP B 65 -3.17 15.92 -32.30
N PRO B 66 -4.00 16.90 -31.90
CA PRO B 66 -5.14 16.63 -31.02
C PRO B 66 -6.24 15.78 -31.67
N ASP B 67 -6.21 15.62 -32.99
CA ASP B 67 -7.16 14.70 -33.67
C ASP B 67 -6.89 13.25 -33.29
N ARG B 68 -5.70 12.93 -32.80
N ARG B 68 -5.61 12.94 -32.97
CA ARG B 68 -5.40 11.54 -32.40
CA ARG B 68 -5.05 11.58 -32.65
C ARG B 68 -5.32 11.50 -30.89
C ARG B 68 -4.94 11.44 -31.14
N VAL B 69 -5.99 10.50 -30.31
N VAL B 69 -5.60 10.44 -30.55
CA VAL B 69 -6.03 10.33 -28.83
CA VAL B 69 -5.61 10.31 -29.07
C VAL B 69 -5.67 8.87 -28.48
C VAL B 69 -5.41 8.85 -28.68
N VAL B 70 -4.68 8.71 -27.59
CA VAL B 70 -4.47 7.40 -26.91
C VAL B 70 -5.05 7.55 -25.51
N LEU B 71 -6.00 6.69 -25.14
CA LEU B 71 -6.41 6.52 -23.74
C LEU B 71 -5.41 5.56 -23.10
N TYR B 72 -4.61 6.04 -22.16
CA TYR B 72 -3.52 5.23 -21.58
C TYR B 72 -3.94 4.77 -20.18
N LEU B 73 -3.81 3.46 -19.98
CA LEU B 73 -4.24 2.73 -18.75
C LEU B 73 -2.99 2.20 -18.06
N HIS B 74 -2.59 2.84 -16.96
CA HIS B 74 -1.32 2.54 -16.28
C HIS B 74 -1.35 1.15 -15.64
N GLY B 75 -0.17 0.58 -15.49
CA GLY B 75 0.00 -0.67 -14.73
C GLY B 75 0.14 -0.42 -13.24
N GLY B 76 0.43 -1.50 -12.53
CA GLY B 76 0.48 -1.49 -11.06
C GLY B 76 -0.45 -2.52 -10.43
N GLY B 77 -0.78 -3.60 -11.11
CA GLY B 77 -1.48 -4.74 -10.47
C GLY B 77 -2.91 -4.42 -10.10
N TYR B 78 -3.48 -3.33 -10.62
CA TYR B 78 -4.82 -2.79 -10.27
C TYR B 78 -4.82 -2.20 -8.85
N VAL B 79 -3.65 -2.06 -8.24
CA VAL B 79 -3.51 -1.64 -6.82
C VAL B 79 -2.64 -0.40 -6.70
N ILE B 80 -1.62 -0.23 -7.54
CA ILE B 80 -0.68 0.91 -7.43
C ILE B 80 -0.60 1.65 -8.78
N GLY B 81 0.23 2.68 -8.83
CA GLY B 81 0.41 3.50 -10.04
C GLY B 81 -0.52 4.69 -10.03
N SER B 82 -0.17 5.66 -10.86
CA SER B 82 -0.87 6.96 -10.88
C SER B 82 -0.54 7.69 -12.18
N ILE B 83 -1.13 8.86 -12.34
CA ILE B 83 -0.74 9.79 -13.42
C ILE B 83 0.75 10.10 -13.28
N ARG B 84 1.24 10.29 -12.06
CA ARG B 84 2.65 10.69 -11.86
C ARG B 84 3.57 9.53 -12.22
N THR B 85 3.23 8.28 -11.91
CA THR B 85 4.16 7.16 -12.19
C THR B 85 4.31 6.96 -13.70
N HIS B 86 3.26 7.22 -14.47
CA HIS B 86 3.20 6.84 -15.90
C HIS B 86 3.25 8.05 -16.85
N ARG B 87 3.40 9.27 -16.34
CA ARG B 87 3.38 10.45 -17.24
C ARG B 87 4.61 10.42 -18.15
N ASP B 88 5.76 9.87 -17.75
CA ASP B 88 6.92 9.84 -18.66
C ASP B 88 6.65 8.88 -19.82
N LEU B 89 6.13 7.68 -19.55
CA LEU B 89 5.80 6.73 -20.63
C LEU B 89 4.76 7.38 -21.55
N ALA B 90 3.78 8.07 -20.97
CA ALA B 90 2.69 8.71 -21.73
C ALA B 90 3.30 9.77 -22.66
N GLN B 91 4.24 10.59 -22.19
CA GLN B 91 4.76 11.69 -23.04
C GLN B 91 5.60 11.08 -24.16
N ARG B 92 6.34 10.01 -23.89
CA ARG B 92 7.16 9.36 -24.94
C ARG B 92 6.24 8.80 -26.02
N ILE B 93 5.12 8.21 -25.64
CA ILE B 93 4.14 7.68 -26.63
C ILE B 93 3.55 8.86 -27.41
N ALA B 94 3.16 9.93 -26.73
CA ALA B 94 2.59 11.12 -27.39
C ALA B 94 3.56 11.62 -28.46
N ARG B 95 4.84 11.63 -28.14
CA ARG B 95 5.91 12.13 -29.05
C ARG B 95 6.04 11.19 -30.25
N ALA B 96 6.12 9.88 -30.00
CA ALA B 96 6.38 8.89 -31.07
C ALA B 96 5.17 8.76 -31.98
N ALA B 97 3.96 8.80 -31.44
CA ALA B 97 2.69 8.62 -32.18
C ALA B 97 2.17 9.97 -32.70
N ARG B 98 2.78 11.08 -32.28
CA ARG B 98 2.34 12.45 -32.65
C ARG B 98 0.86 12.62 -32.31
N CYS B 99 0.51 12.32 -31.07
CA CYS B 99 -0.89 12.35 -30.60
C CYS B 99 -0.94 12.98 -29.21
N ARG B 100 -2.14 13.23 -28.72
CA ARG B 100 -2.31 13.56 -27.28
C ARG B 100 -2.70 12.28 -26.56
N VAL B 101 -2.31 12.21 -25.29
CA VAL B 101 -2.58 11.01 -24.46
C VAL B 101 -3.46 11.45 -23.30
N LEU B 102 -4.54 10.73 -23.07
CA LEU B 102 -5.38 10.90 -21.87
C LEU B 102 -4.95 9.81 -20.90
N LEU B 103 -4.31 10.21 -19.82
CA LEU B 103 -3.81 9.31 -18.77
C LEU B 103 -4.77 9.37 -17.60
N ILE B 104 -5.50 8.31 -17.28
CA ILE B 104 -6.57 8.38 -16.25
C ILE B 104 -6.11 7.77 -14.93
N ASP B 105 -6.65 8.33 -13.86
N ASP B 105 -6.49 8.40 -13.81
CA ASP B 105 -6.45 7.85 -12.48
CA ASP B 105 -6.39 7.81 -12.45
C ASP B 105 -7.62 6.95 -12.13
C ASP B 105 -7.65 6.98 -12.20
N TYR B 106 -7.70 5.77 -12.77
CA TYR B 106 -8.82 4.85 -12.55
C TYR B 106 -8.77 4.35 -11.11
N ARG B 107 -9.93 3.97 -10.61
CA ARG B 107 -10.08 3.52 -9.21
C ARG B 107 -9.25 2.25 -8.99
N LEU B 108 -8.58 2.21 -7.85
CA LEU B 108 -7.63 1.13 -7.49
C LEU B 108 -8.19 0.28 -6.35
N ALA B 109 -7.81 -0.99 -6.36
CA ALA B 109 -8.01 -1.94 -5.25
C ALA B 109 -6.90 -1.70 -4.23
N PRO B 110 -7.06 -2.10 -2.97
CA PRO B 110 -8.26 -2.77 -2.46
C PRO B 110 -9.45 -1.87 -2.13
N GLU B 111 -9.28 -0.55 -2.20
CA GLU B 111 -10.38 0.40 -1.86
C GLU B 111 -11.56 0.17 -2.82
N HIS B 112 -11.26 -0.04 -4.10
CA HIS B 112 -12.27 -0.19 -5.18
C HIS B 112 -11.94 -1.43 -5.98
N PRO B 113 -12.46 -2.61 -5.59
CA PRO B 113 -12.18 -3.83 -6.34
C PRO B 113 -12.81 -3.82 -7.73
N HIS B 114 -12.42 -4.81 -8.52
CA HIS B 114 -13.06 -5.11 -9.82
C HIS B 114 -14.56 -5.08 -9.59
N PRO B 115 -15.41 -4.49 -10.45
CA PRO B 115 -15.04 -3.94 -11.76
C PRO B 115 -14.80 -2.43 -11.83
N ALA B 116 -14.41 -1.79 -10.73
CA ALA B 116 -14.28 -0.31 -10.71
C ALA B 116 -13.34 0.16 -11.83
N ALA B 117 -12.20 -0.49 -12.00
CA ALA B 117 -11.19 -0.05 -13.00
C ALA B 117 -11.83 -0.03 -14.40
N VAL B 118 -12.62 -1.06 -14.73
CA VAL B 118 -13.21 -1.20 -16.08
C VAL B 118 -14.37 -0.20 -16.23
N GLU B 119 -15.12 0.07 -15.16
CA GLU B 119 -16.16 1.13 -15.21
C GLU B 119 -15.48 2.45 -15.58
N ASP B 120 -14.32 2.72 -14.98
CA ASP B 120 -13.64 4.02 -15.20
C ASP B 120 -13.05 4.08 -16.61
N SER B 121 -12.39 3.02 -17.07
CA SER B 121 -11.75 3.04 -18.41
C SER B 121 -12.82 3.20 -19.49
N THR B 122 -13.93 2.48 -19.37
CA THR B 122 -15.02 2.56 -20.37
C THR B 122 -15.64 3.96 -20.33
N ARG B 123 -15.84 4.53 -19.13
N ARG B 123 -15.82 4.52 -19.13
CA ARG B 123 -16.43 5.89 -19.00
CA ARG B 123 -16.42 5.87 -18.93
C ARG B 123 -15.52 6.90 -19.69
C ARG B 123 -15.53 6.93 -19.60
N ALA B 124 -14.20 6.82 -19.46
CA ALA B 124 -13.26 7.79 -20.07
C ALA B 124 -13.33 7.68 -21.59
N TYR B 125 -13.38 6.46 -22.13
CA TYR B 125 -13.46 6.28 -23.60
C TYR B 125 -14.75 6.90 -24.13
N ARG B 126 -15.89 6.58 -23.49
N ARG B 126 -15.88 6.62 -23.48
CA ARG B 126 -17.21 7.13 -23.89
CA ARG B 126 -17.19 7.13 -23.95
C ARG B 126 -17.14 8.67 -23.88
C ARG B 126 -17.22 8.67 -23.83
N TRP B 127 -16.50 9.24 -22.86
CA TRP B 127 -16.36 10.71 -22.71
C TRP B 127 -15.55 11.28 -23.87
N LEU B 128 -14.48 10.61 -24.28
CA LEU B 128 -13.72 11.04 -25.46
C LEU B 128 -14.65 11.09 -26.67
N LEU B 129 -15.49 10.08 -26.88
CA LEU B 129 -16.44 10.10 -28.04
C LEU B 129 -17.44 11.24 -27.87
N GLU B 130 -18.00 11.44 -26.68
CA GLU B 130 -18.99 12.51 -26.39
C GLU B 130 -18.39 13.87 -26.75
N THR B 131 -17.10 14.06 -26.57
CA THR B 131 -16.43 15.38 -26.73
C THR B 131 -15.81 15.46 -28.13
N GLY B 132 -16.05 14.48 -29.00
CA GLY B 132 -15.85 14.59 -30.46
C GLY B 132 -14.71 13.76 -31.01
N SER B 133 -14.03 12.93 -30.21
CA SER B 133 -12.93 12.06 -30.72
C SER B 133 -13.50 11.05 -31.71
N ASP B 134 -12.77 10.76 -32.78
CA ASP B 134 -13.20 9.79 -33.81
C ASP B 134 -12.50 8.46 -33.57
N PRO B 135 -13.22 7.32 -33.43
CA PRO B 135 -12.58 6.02 -33.25
C PRO B 135 -11.45 5.71 -34.24
N LYS B 136 -11.56 6.17 -35.49
CA LYS B 136 -10.52 5.91 -36.52
C LYS B 136 -9.19 6.58 -36.18
N ARG B 137 -9.19 7.54 -35.24
CA ARG B 137 -7.98 8.29 -34.83
C ARG B 137 -7.74 8.08 -33.33
N MET B 138 -8.27 6.98 -32.77
CA MET B 138 -8.13 6.66 -31.32
C MET B 138 -7.39 5.34 -31.15
N ALA B 139 -6.83 5.15 -29.96
CA ALA B 139 -6.28 3.85 -29.52
C ALA B 139 -6.44 3.80 -28.01
N ILE B 140 -6.45 2.59 -27.48
CA ILE B 140 -6.31 2.36 -26.03
C ILE B 140 -4.99 1.62 -25.84
N ALA B 141 -4.21 2.02 -24.84
CA ALA B 141 -2.90 1.40 -24.58
C ALA B 141 -2.71 1.26 -23.08
N GLY B 142 -1.95 0.25 -22.68
CA GLY B 142 -1.65 0.11 -21.26
C GLY B 142 -0.58 -0.91 -21.02
N ASP B 143 0.03 -0.81 -19.86
CA ASP B 143 1.14 -1.71 -19.45
C ASP B 143 0.67 -2.61 -18.32
N SER B 144 1.03 -3.87 -18.39
CA SER B 144 0.89 -4.84 -17.26
C SER B 144 -0.59 -4.93 -16.89
N ALA B 145 -1.01 -4.64 -15.65
CA ALA B 145 -2.45 -4.63 -15.31
C ALA B 145 -3.21 -3.75 -16.31
N GLY B 146 -2.63 -2.62 -16.71
CA GLY B 146 -3.29 -1.72 -17.68
C GLY B 146 -3.38 -2.32 -19.07
N GLY B 147 -2.47 -3.24 -19.42
CA GLY B 147 -2.59 -4.02 -20.67
C GLY B 147 -3.75 -4.97 -20.61
N GLY B 148 -3.95 -5.65 -19.47
CA GLY B 148 -5.17 -6.44 -19.28
C GLY B 148 -6.40 -5.56 -19.30
N LEU B 149 -6.31 -4.41 -18.65
CA LEU B 149 -7.48 -3.49 -18.59
C LEU B 149 -7.82 -2.99 -19.99
N THR B 150 -6.82 -2.78 -20.83
CA THR B 150 -7.03 -2.38 -22.25
C THR B 150 -7.92 -3.41 -22.93
N VAL B 151 -7.59 -4.69 -22.80
CA VAL B 151 -8.38 -5.75 -23.48
C VAL B 151 -9.78 -5.78 -22.89
N ALA B 152 -9.90 -5.76 -21.56
CA ALA B 152 -11.22 -5.82 -20.89
C ALA B 152 -12.07 -4.62 -21.31
N THR B 153 -11.47 -3.45 -21.44
CA THR B 153 -12.19 -2.22 -21.84
C THR B 153 -12.77 -2.42 -23.24
N LEU B 154 -11.98 -2.95 -24.17
CA LEU B 154 -12.47 -3.18 -25.53
C LEU B 154 -13.64 -4.16 -25.53
N VAL B 155 -13.52 -5.25 -24.78
CA VAL B 155 -14.60 -6.26 -24.67
C VAL B 155 -15.87 -5.59 -24.14
N ALA B 156 -15.76 -4.83 -23.06
CA ALA B 156 -16.92 -4.19 -22.42
C ALA B 156 -17.54 -3.15 -23.37
N LEU B 157 -16.72 -2.36 -24.05
CA LEU B 157 -17.23 -1.36 -25.02
C LEU B 157 -17.97 -2.08 -26.13
N ARG B 158 -17.41 -3.14 -26.68
N ARG B 158 -17.38 -3.12 -26.72
CA ARG B 158 -18.10 -3.88 -27.76
CA ARG B 158 -17.95 -3.79 -27.93
C ARG B 158 -19.46 -4.39 -27.25
C ARG B 158 -19.31 -4.40 -27.56
N ASP B 159 -19.48 -5.04 -26.08
N ASP B 159 -19.45 -4.89 -26.33
CA ASP B 159 -20.72 -5.64 -25.52
CA ASP B 159 -20.69 -5.54 -25.81
C ASP B 159 -21.78 -4.54 -25.34
C ASP B 159 -21.78 -4.48 -25.65
N ALA B 160 -21.37 -3.28 -25.32
N ALA B 160 -21.46 -3.33 -25.04
CA ALA B 160 -22.27 -2.11 -25.25
CA ALA B 160 -22.40 -2.24 -24.66
C ALA B 160 -22.59 -1.59 -26.67
C ALA B 160 -22.80 -1.40 -25.88
N GLY B 161 -22.00 -2.16 -27.72
N GLY B 161 -22.27 -1.72 -27.07
CA GLY B 161 -22.18 -1.69 -29.12
CA GLY B 161 -22.67 -1.09 -28.35
C GLY B 161 -21.45 -0.39 -29.38
C GLY B 161 -21.94 0.22 -28.61
N VAL B 162 -20.46 -0.05 -28.57
N VAL B 162 -20.62 0.27 -28.39
CA VAL B 162 -19.68 1.21 -28.74
CA VAL B 162 -19.73 1.45 -28.61
C VAL B 162 -18.60 0.92 -29.76
C VAL B 162 -18.63 1.08 -29.62
N PRO B 163 -18.43 1.82 -30.76
CA PRO B 163 -17.39 1.58 -31.76
C PRO B 163 -16.01 1.56 -31.10
N LEU B 164 -15.25 0.54 -31.45
CA LEU B 164 -13.90 0.35 -30.91
C LEU B 164 -12.93 1.23 -31.68
N PRO B 165 -11.78 1.55 -31.06
CA PRO B 165 -10.78 2.40 -31.68
C PRO B 165 -10.04 1.67 -32.81
N ALA B 166 -9.16 2.40 -33.49
CA ALA B 166 -8.44 1.91 -34.68
C ALA B 166 -7.45 0.81 -34.28
N ALA B 167 -6.94 0.83 -33.05
CA ALA B 167 -5.88 -0.09 -32.61
C ALA B 167 -5.80 -0.07 -31.10
N ALA B 168 -5.11 -1.06 -30.56
CA ALA B 168 -4.80 -1.07 -29.12
C ALA B 168 -3.41 -1.64 -28.91
N VAL B 169 -2.83 -1.27 -27.78
CA VAL B 169 -1.42 -1.60 -27.47
C VAL B 169 -1.36 -2.14 -26.05
N CYS B 170 -0.73 -3.28 -25.89
CA CYS B 170 -0.53 -3.94 -24.58
C CYS B 170 0.97 -4.13 -24.36
N LEU B 171 1.48 -3.56 -23.27
CA LEU B 171 2.92 -3.64 -22.91
C LEU B 171 3.05 -4.60 -21.74
N SER B 172 3.61 -5.79 -21.97
CA SER B 172 3.74 -6.83 -20.92
C SER B 172 2.40 -7.04 -20.23
N PRO B 173 1.29 -7.30 -20.96
CA PRO B 173 -0.03 -7.38 -20.33
C PRO B 173 -0.13 -8.52 -19.31
N TRP B 174 -0.89 -8.23 -18.26
CA TRP B 174 -1.27 -9.21 -17.22
C TRP B 174 -2.72 -9.61 -17.42
N VAL B 175 -2.94 -10.83 -17.90
CA VAL B 175 -4.30 -11.32 -18.26
C VAL B 175 -4.65 -12.63 -17.54
N ASP B 176 -3.69 -13.26 -16.86
CA ASP B 176 -3.88 -14.53 -16.12
C ASP B 176 -3.67 -14.22 -14.65
N LEU B 177 -4.75 -14.08 -13.90
N LEU B 177 -4.75 -14.08 -13.88
CA LEU B 177 -4.71 -13.68 -12.46
CA LEU B 177 -4.64 -13.66 -12.47
C LEU B 177 -4.42 -14.89 -11.56
C LEU B 177 -4.29 -14.86 -11.57
N GLU B 178 -4.16 -16.07 -12.14
CA GLU B 178 -3.77 -17.29 -11.37
C GLU B 178 -2.26 -17.54 -11.49
N GLY B 179 -1.56 -16.89 -12.42
CA GLY B 179 -0.12 -17.12 -12.61
C GLY B 179 0.20 -18.56 -12.93
N ILE B 180 -0.49 -19.14 -13.91
CA ILE B 180 -0.32 -20.57 -14.30
C ILE B 180 0.36 -20.71 -15.67
N GLY B 181 0.84 -19.62 -16.28
CA GLY B 181 1.64 -19.72 -17.50
C GLY B 181 2.95 -20.45 -17.25
N GLU B 182 3.45 -21.19 -18.22
CA GLU B 182 4.70 -21.97 -18.05
C GLU B 182 5.83 -21.02 -17.66
N SER B 183 5.91 -19.82 -18.23
CA SER B 183 7.00 -18.86 -17.99
C SER B 183 6.99 -18.35 -16.54
N MET B 184 5.87 -18.46 -15.83
CA MET B 184 5.81 -18.05 -14.41
C MET B 184 6.78 -18.93 -13.59
N THR B 185 7.04 -20.14 -14.09
CA THR B 185 8.10 -21.06 -13.57
C THR B 185 9.38 -20.87 -14.38
N THR B 186 9.36 -21.01 -15.71
CA THR B 186 10.59 -21.19 -16.54
C THR B 186 11.39 -19.89 -16.68
N LYS B 187 10.79 -18.71 -16.45
CA LYS B 187 11.51 -17.42 -16.53
C LYS B 187 11.71 -16.83 -15.14
N ALA B 188 11.40 -17.57 -14.08
CA ALA B 188 11.44 -17.04 -12.69
C ALA B 188 12.88 -16.59 -12.36
N ALA B 189 13.92 -17.27 -12.86
CA ALA B 189 15.32 -16.95 -12.51
C ALA B 189 15.85 -15.76 -13.32
N VAL B 190 15.12 -15.25 -14.31
CA VAL B 190 15.62 -14.10 -15.13
C VAL B 190 14.72 -12.87 -14.99
N ASP B 191 13.60 -12.95 -14.28
CA ASP B 191 12.67 -11.81 -14.13
C ASP B 191 12.98 -11.08 -12.84
N PRO B 192 13.50 -9.83 -12.91
CA PRO B 192 13.86 -9.10 -11.68
C PRO B 192 12.70 -8.39 -10.98
N MET B 193 11.47 -8.54 -11.46
N MET B 193 11.47 -8.53 -11.47
CA MET B 193 10.37 -7.64 -11.04
CA MET B 193 10.35 -7.62 -11.09
C MET B 193 9.08 -8.41 -10.70
C MET B 193 9.07 -8.38 -10.72
N VAL B 194 8.65 -9.33 -11.55
CA VAL B 194 7.34 -10.03 -11.40
C VAL B 194 7.60 -11.48 -11.04
N GLN B 195 6.97 -11.92 -9.96
CA GLN B 195 6.96 -13.34 -9.55
C GLN B 195 5.55 -13.69 -9.08
N ARG B 196 5.30 -14.97 -8.93
CA ARG B 196 3.92 -15.47 -8.72
C ARG B 196 3.33 -14.93 -7.42
N GLU B 197 4.08 -14.86 -6.32
CA GLU B 197 3.41 -14.58 -5.02
C GLU B 197 2.91 -13.13 -5.01
N PRO B 198 3.70 -12.10 -5.41
CA PRO B 198 3.14 -10.75 -5.47
C PRO B 198 1.97 -10.63 -6.47
N LEU B 199 2.04 -11.36 -7.58
CA LEU B 199 0.95 -11.41 -8.59
C LEU B 199 -0.33 -11.89 -7.91
N LEU B 200 -0.27 -13.00 -7.17
CA LEU B 200 -1.49 -13.55 -6.51
C LEU B 200 -1.98 -12.58 -5.44
N ARG B 201 -1.08 -11.88 -4.76
N ARG B 201 -1.08 -11.88 -4.75
CA ARG B 201 -1.47 -10.89 -3.73
CA ARG B 201 -1.46 -10.89 -3.71
C ARG B 201 -2.26 -9.74 -4.37
C ARG B 201 -2.28 -9.77 -4.38
N MET B 202 -1.80 -9.23 -5.51
N MET B 202 -1.81 -9.25 -5.51
CA MET B 202 -2.48 -8.16 -6.28
CA MET B 202 -2.51 -8.13 -6.17
C MET B 202 -3.83 -8.67 -6.77
C MET B 202 -3.82 -8.65 -6.80
N ALA B 203 -3.84 -9.86 -7.36
CA ALA B 203 -5.08 -10.45 -7.90
C ALA B 203 -6.12 -10.56 -6.78
N SER B 204 -5.71 -11.00 -5.60
CA SER B 204 -6.63 -11.18 -4.45
C SER B 204 -7.29 -9.84 -4.11
N MET B 205 -6.50 -8.77 -4.06
CA MET B 205 -7.03 -7.43 -3.72
C MET B 205 -7.99 -6.94 -4.80
N TYR B 206 -7.67 -7.16 -6.07
CA TYR B 206 -8.51 -6.70 -7.20
C TYR B 206 -9.82 -7.50 -7.25
N LEU B 207 -9.75 -8.81 -7.01
CA LEU B 207 -10.93 -9.69 -7.17
C LEU B 207 -11.87 -9.59 -5.96
N ALA B 208 -11.35 -9.35 -4.75
CA ALA B 208 -12.18 -9.29 -3.52
C ALA B 208 -13.13 -10.49 -3.48
N GLY B 209 -12.62 -11.70 -3.70
CA GLY B 209 -13.39 -12.94 -3.57
C GLY B 209 -13.97 -13.42 -4.89
N GLN B 210 -13.94 -12.60 -5.95
CA GLN B 210 -14.52 -12.99 -7.26
C GLN B 210 -13.66 -14.07 -7.94
N ASP B 211 -14.29 -14.86 -8.79
CA ASP B 211 -13.65 -15.92 -9.59
C ASP B 211 -12.43 -15.33 -10.30
N PRO B 212 -11.21 -15.90 -10.18
CA PRO B 212 -10.05 -15.33 -10.86
C PRO B 212 -10.12 -15.45 -12.39
N ARG B 213 -11.10 -16.17 -12.95
CA ARG B 213 -11.30 -16.21 -14.42
C ARG B 213 -12.50 -15.36 -14.81
N THR B 214 -12.98 -14.49 -13.94
CA THR B 214 -13.97 -13.46 -14.30
C THR B 214 -13.48 -12.73 -15.55
N PRO B 215 -14.19 -12.80 -16.70
CA PRO B 215 -13.62 -12.37 -17.98
C PRO B 215 -13.13 -10.92 -18.05
N LEU B 216 -13.82 -9.98 -17.42
CA LEU B 216 -13.38 -8.55 -17.49
C LEU B 216 -12.24 -8.29 -16.52
N ALA B 217 -11.94 -9.22 -15.61
CA ALA B 217 -10.77 -9.12 -14.72
C ALA B 217 -9.57 -9.85 -15.33
N ALA B 218 -9.83 -10.94 -16.02
CA ALA B 218 -8.82 -11.86 -16.58
C ALA B 218 -9.19 -12.14 -18.03
N PRO B 219 -8.91 -11.18 -18.95
CA PRO B 219 -9.51 -11.25 -20.28
C PRO B 219 -8.92 -12.31 -21.20
N LEU B 220 -7.96 -13.11 -20.71
CA LEU B 220 -7.63 -14.39 -21.35
C LEU B 220 -8.91 -15.22 -21.53
N TYR B 221 -9.93 -15.02 -20.68
CA TYR B 221 -11.17 -15.83 -20.69
C TYR B 221 -12.35 -15.05 -21.24
N ALA B 222 -12.11 -13.86 -21.80
CA ALA B 222 -13.16 -13.02 -22.40
C ALA B 222 -13.38 -13.39 -23.87
N ASP B 223 -14.52 -12.96 -24.38
CA ASP B 223 -14.82 -13.06 -25.83
C ASP B 223 -14.07 -11.92 -26.53
N LEU B 224 -13.03 -12.24 -27.29
CA LEU B 224 -12.17 -11.22 -27.92
C LEU B 224 -12.59 -10.96 -29.38
N ARG B 225 -13.66 -11.58 -29.87
CA ARG B 225 -14.05 -11.43 -31.28
C ARG B 225 -14.44 -9.96 -31.55
N GLY B 226 -13.96 -9.41 -32.65
CA GLY B 226 -14.30 -8.04 -33.05
C GLY B 226 -13.30 -7.02 -32.55
N LEU B 227 -12.29 -7.40 -31.78
CA LEU B 227 -11.33 -6.38 -31.27
C LEU B 227 -10.48 -5.86 -32.41
N PRO B 228 -10.01 -4.60 -32.31
CA PRO B 228 -9.18 -4.02 -33.35
C PRO B 228 -7.76 -4.53 -33.31
N PRO B 229 -6.93 -4.19 -34.31
CA PRO B 229 -5.55 -4.65 -34.35
C PRO B 229 -4.84 -4.33 -33.04
N LEU B 230 -4.19 -5.36 -32.50
N LEU B 230 -3.99 -5.26 -32.63
CA LEU B 230 -3.43 -5.29 -31.22
CA LEU B 230 -3.46 -5.27 -31.27
C LEU B 230 -1.94 -5.36 -31.51
C LEU B 230 -1.95 -5.50 -31.31
N LEU B 231 -1.17 -4.53 -30.82
CA LEU B 231 0.28 -4.68 -30.66
C LEU B 231 0.52 -5.15 -29.25
N ILE B 232 1.19 -6.28 -29.10
CA ILE B 232 1.62 -6.81 -27.78
C ILE B 232 3.14 -6.79 -27.79
N GLN B 233 3.73 -5.97 -26.93
CA GLN B 233 5.20 -5.98 -26.72
C GLN B 233 5.44 -6.65 -25.39
N VAL B 234 6.40 -7.54 -25.34
CA VAL B 234 6.70 -8.30 -24.10
C VAL B 234 8.19 -8.64 -24.13
N GLY B 235 8.81 -8.76 -22.96
CA GLY B 235 10.23 -9.15 -22.90
C GLY B 235 10.37 -10.66 -22.80
N THR B 236 11.44 -11.23 -23.33
CA THR B 236 11.64 -12.69 -23.18
C THR B 236 12.10 -13.04 -21.76
N ALA B 237 12.63 -12.07 -21.01
N ALA B 237 12.58 -12.10 -20.97
CA ALA B 237 13.06 -12.27 -19.62
CA ALA B 237 13.09 -12.40 -19.61
C ALA B 237 11.90 -11.89 -18.68
C ALA B 237 11.96 -12.31 -18.57
N GLU B 238 10.74 -12.51 -18.90
N GLU B 238 10.69 -12.22 -19.01
CA GLU B 238 9.50 -12.15 -18.19
CA GLU B 238 9.52 -12.01 -18.11
C GLU B 238 8.74 -13.40 -17.75
C GLU B 238 8.81 -13.33 -17.74
N THR B 239 8.41 -13.46 -16.49
CA THR B 239 7.44 -14.48 -16.02
C THR B 239 6.09 -14.25 -16.71
N LEU B 240 5.76 -13.01 -17.09
CA LEU B 240 4.51 -12.73 -17.82
C LEU B 240 4.67 -12.99 -19.33
N LEU B 241 5.77 -13.55 -19.81
CA LEU B 241 5.89 -13.87 -21.25
C LEU B 241 4.67 -14.66 -21.72
N ASP B 242 4.28 -15.70 -21.01
CA ASP B 242 3.18 -16.58 -21.47
C ASP B 242 1.82 -15.90 -21.33
N ASP B 243 1.68 -14.81 -20.58
CA ASP B 243 0.42 -14.02 -20.65
C ASP B 243 0.28 -13.47 -22.06
N SER B 244 1.37 -12.93 -22.62
CA SER B 244 1.37 -12.36 -23.98
C SER B 244 1.18 -13.47 -25.01
N VAL B 245 1.87 -14.59 -24.85
CA VAL B 245 1.75 -15.72 -25.82
C VAL B 245 0.30 -16.19 -25.82
N ARG B 246 -0.30 -16.39 -24.65
CA ARG B 246 -1.69 -16.91 -24.59
C ARG B 246 -2.67 -15.85 -25.07
N LEU B 247 -2.43 -14.58 -24.77
CA LEU B 247 -3.34 -13.52 -25.25
C LEU B 247 -3.31 -13.51 -26.78
N ALA B 248 -2.12 -13.56 -27.37
CA ALA B 248 -1.98 -13.55 -28.84
C ALA B 248 -2.72 -14.75 -29.42
N GLU B 249 -2.53 -15.93 -28.85
CA GLU B 249 -3.20 -17.17 -29.33
C GLU B 249 -4.73 -16.97 -29.28
N ARG B 250 -5.24 -16.48 -28.16
N ARG B 250 -5.25 -16.50 -28.15
CA ARG B 250 -6.71 -16.36 -27.96
CA ARG B 250 -6.72 -16.38 -27.93
C ARG B 250 -7.24 -15.29 -28.91
C ARG B 250 -7.26 -15.29 -28.88
N ALA B 251 -6.55 -14.16 -29.03
CA ALA B 251 -7.02 -13.06 -29.89
C ALA B 251 -7.00 -13.52 -31.35
N ARG B 252 -5.95 -14.21 -31.79
CA ARG B 252 -5.90 -14.73 -33.20
C ARG B 252 -7.02 -15.75 -33.41
N ALA B 253 -7.31 -16.60 -32.44
CA ALA B 253 -8.40 -17.60 -32.55
C ALA B 253 -9.76 -16.90 -32.63
N ALA B 254 -9.83 -15.65 -32.17
CA ALA B 254 -11.04 -14.80 -32.20
C ALA B 254 -11.03 -13.89 -33.42
N GLY B 255 -10.06 -14.02 -34.34
CA GLY B 255 -10.03 -13.26 -35.60
C GLY B 255 -9.42 -11.88 -35.48
N VAL B 256 -8.75 -11.58 -34.37
CA VAL B 256 -8.08 -10.27 -34.15
C VAL B 256 -6.72 -10.29 -34.85
N GLN B 257 -6.37 -9.19 -35.50
CA GLN B 257 -5.02 -9.01 -36.10
C GLN B 257 -4.04 -8.68 -34.97
N VAL B 258 -3.12 -9.57 -34.65
CA VAL B 258 -2.18 -9.38 -33.53
C VAL B 258 -0.78 -9.23 -34.09
N THR B 259 -0.06 -8.23 -33.60
CA THR B 259 1.41 -8.11 -33.77
C THR B 259 2.05 -8.42 -32.42
N LEU B 260 2.68 -9.56 -32.28
CA LEU B 260 3.28 -10.00 -31.00
C LEU B 260 4.79 -9.82 -31.14
N GLU B 261 5.37 -8.94 -30.33
CA GLU B 261 6.82 -8.65 -30.38
C GLU B 261 7.46 -9.09 -29.08
N PRO B 262 8.08 -10.28 -29.01
CA PRO B 262 8.88 -10.65 -27.86
C PRO B 262 10.29 -10.11 -28.02
N TRP B 263 10.66 -9.08 -27.25
CA TRP B 263 11.96 -8.41 -27.37
C TRP B 263 12.99 -9.19 -26.55
N GLU B 264 14.02 -9.68 -27.22
CA GLU B 264 15.03 -10.59 -26.62
C GLU B 264 15.67 -9.91 -25.41
N ASP B 265 15.67 -10.63 -24.29
CA ASP B 265 16.35 -10.27 -23.02
C ASP B 265 15.62 -9.14 -22.30
N MET B 266 14.55 -8.57 -22.84
CA MET B 266 13.93 -7.41 -22.19
C MET B 266 13.12 -7.88 -20.97
N ILE B 267 12.95 -6.93 -20.06
N ILE B 267 12.94 -6.94 -20.06
CA ILE B 267 12.28 -7.13 -18.75
CA ILE B 267 12.25 -7.19 -18.76
C ILE B 267 10.92 -6.45 -18.77
C ILE B 267 10.95 -6.40 -18.72
N HIS B 268 10.16 -6.67 -17.70
CA HIS B 268 8.79 -6.17 -17.55
C HIS B 268 8.70 -4.67 -17.78
N VAL B 269 7.86 -4.26 -18.73
CA VAL B 269 7.61 -2.83 -19.08
C VAL B 269 8.96 -2.11 -19.18
N TRP B 270 9.88 -2.68 -19.94
CA TRP B 270 11.22 -2.08 -20.15
C TRP B 270 11.08 -0.70 -20.80
N GLN B 271 9.98 -0.44 -21.48
CA GLN B 271 9.72 0.87 -22.12
C GLN B 271 9.72 1.99 -21.06
N ALA B 272 9.34 1.69 -19.82
CA ALA B 272 9.30 2.70 -18.73
C ALA B 272 10.72 3.21 -18.43
N PHE B 273 11.76 2.49 -18.84
CA PHE B 273 13.17 2.84 -18.54
C PHE B 273 13.82 3.51 -19.75
N ALA B 274 13.02 3.99 -20.71
CA ALA B 274 13.51 4.53 -21.99
C ALA B 274 14.51 5.68 -21.80
N ALA B 275 14.45 6.42 -20.68
CA ALA B 275 15.42 7.51 -20.41
C ALA B 275 16.85 6.96 -20.41
N MET B 276 17.05 5.74 -19.90
N MET B 276 17.05 5.75 -19.89
CA MET B 276 18.38 5.12 -19.69
CA MET B 276 18.37 5.13 -19.63
C MET B 276 18.60 3.92 -20.61
C MET B 276 18.57 3.83 -20.42
N LEU B 277 17.52 3.27 -21.05
CA LEU B 277 17.60 1.97 -21.76
C LEU B 277 17.27 2.17 -23.22
N PRO B 278 18.27 2.08 -24.13
CA PRO B 278 18.02 2.30 -25.55
C PRO B 278 16.88 1.45 -26.10
N GLU B 279 16.78 0.19 -25.68
CA GLU B 279 15.72 -0.73 -26.18
C GLU B 279 14.34 -0.24 -25.74
N GLY B 280 14.26 0.46 -24.62
CA GLY B 280 12.99 1.08 -24.17
C GLY B 280 12.52 2.12 -25.17
N GLN B 281 13.40 3.01 -25.57
CA GLN B 281 13.05 4.06 -26.56
C GLN B 281 12.79 3.40 -27.92
N GLN B 282 13.57 2.40 -28.31
CA GLN B 282 13.34 1.71 -29.61
C GLN B 282 11.91 1.12 -29.62
N ALA B 283 11.49 0.51 -28.51
CA ALA B 283 10.16 -0.14 -28.45
C ALA B 283 9.07 0.93 -28.51
N ILE B 284 9.28 2.08 -27.88
CA ILE B 284 8.29 3.19 -27.95
C ILE B 284 8.21 3.71 -29.39
N GLU B 285 9.32 3.79 -30.11
CA GLU B 285 9.27 4.22 -31.53
C GLU B 285 8.41 3.24 -32.31
N ARG B 286 8.53 1.95 -32.03
CA ARG B 286 7.68 0.93 -32.69
C ARG B 286 6.20 1.14 -32.33
N ILE B 287 5.89 1.44 -31.08
CA ILE B 287 4.49 1.76 -30.70
C ILE B 287 3.98 2.92 -31.57
N GLY B 288 4.79 3.98 -31.70
CA GLY B 288 4.41 5.15 -32.51
C GLY B 288 4.16 4.76 -33.96
N GLU B 289 5.04 3.94 -34.53
N GLU B 289 5.03 3.93 -34.53
CA GLU B 289 4.91 3.48 -35.94
CA GLU B 289 4.92 3.48 -35.93
C GLU B 289 3.61 2.68 -36.09
C GLU B 289 3.62 2.67 -36.10
N PHE B 290 3.37 1.75 -35.18
CA PHE B 290 2.16 0.89 -35.21
C PHE B 290 0.91 1.77 -35.18
N LEU B 291 0.88 2.74 -34.26
CA LEU B 291 -0.33 3.59 -34.15
C LEU B 291 -0.51 4.43 -35.41
N ARG B 292 0.56 5.07 -35.87
CA ARG B 292 0.46 5.96 -37.05
C ARG B 292 0.01 5.14 -38.26
N GLN B 293 0.48 3.89 -38.39
N GLN B 293 0.45 3.86 -38.35
CA GLN B 293 0.05 3.02 -39.51
CA GLN B 293 0.11 2.93 -39.47
C GLN B 293 -1.47 2.84 -39.47
C GLN B 293 -1.38 2.56 -39.45
N HIS B 294 -2.03 2.57 -38.28
CA HIS B 294 -3.47 2.23 -38.14
C HIS B 294 -4.35 3.47 -38.19
N TRP B 295 -3.77 4.67 -38.07
CA TRP B 295 -4.51 5.96 -38.15
C TRP B 295 -4.48 6.52 -39.58
N GLN B 296 -3.56 6.05 -40.44
CA GLN B 296 -3.43 6.47 -41.86
C GLN B 296 -4.72 6.08 -42.62
#